data_5WQS
#
_entry.id   5WQS
#
_cell.length_a   128.347
_cell.length_b   128.347
_cell.length_c   66.701
_cell.angle_alpha   90.000
_cell.angle_beta   90.000
_cell.angle_gamma   90.000
#
_symmetry.space_group_name_H-M   'P 42 21 2'
#
loop_
_entity.id
_entity.type
_entity.pdbx_description
1 polymer Beta-amylase
2 non-polymer 'ISOPROPYL ALCOHOL'
3 water water
#
_entity_poly.entity_id   1
_entity_poly.type   'polypeptide(L)'
_entity_poly.pdbx_seq_one_letter_code
;APIPGVMPIGNYVSLYVMLPLGVVNADNVFPDKEKVEDELKQVKAGGCDGVMVDVWWGIIEAKGPKQYDWSAYRELFQLV
KKCGLKIQAIMSFHQCGGNVGDAVFIPIPQWILQIGDKNPDIFYTNRAGNRNQEYLSLGVDNQRLFQGRTALEMYRDFME
SFRDNMADFLKAGDIVDIEVGCGAAGELRYPSYPETQGWVFPGIGEFQCYDKYMVADWKEAVKQAGNADWEMPGKGAGTY
NDTPDKTEFFRPNGTYKTDMGKFFLTWYSNKLIIHGDQVLEEANKVFVGLRVNIAAKVSGIHWWYNHVSHAAELTAGFYN
VAGRDGYRPIARMLARHHATLNFTCLEMRDSEQPAEAKSAPQELVQQVLSSGWKEYIDVAGENALPRYDATAYNQMLLLV
RPNGVNLNGPPKLKMSGLTYLRLSDDLLQTDNFELFKKFVKKMHADLDPSPNAISPAVLERSNSAITIDELMEATKGSRP
FPWYDVTDMPVDGSNPFD
;
_entity_poly.pdbx_strand_id   A
#
# COMPACT_ATOMS: atom_id res chain seq x y z
N ALA A 1 29.40 -6.21 -27.28
CA ALA A 1 28.28 -7.09 -27.00
C ALA A 1 28.59 -7.78 -25.66
N PRO A 2 27.53 -8.25 -24.94
CA PRO A 2 27.78 -8.92 -23.64
C PRO A 2 28.37 -10.32 -23.86
N ILE A 3 28.97 -10.87 -22.81
CA ILE A 3 29.48 -12.26 -22.82
C ILE A 3 28.34 -13.23 -22.52
N PRO A 4 28.18 -14.25 -23.33
CA PRO A 4 27.10 -15.19 -23.13
C PRO A 4 27.20 -15.84 -21.74
N GLY A 5 26.08 -15.90 -21.04
CA GLY A 5 25.99 -16.44 -19.69
C GLY A 5 26.13 -15.45 -18.55
N VAL A 6 26.56 -14.23 -18.81
CA VAL A 6 26.84 -13.28 -17.72
C VAL A 6 25.56 -12.46 -17.52
N MET A 7 24.94 -12.59 -16.35
CA MET A 7 23.73 -11.80 -16.03
C MET A 7 24.16 -10.68 -15.14
N PRO A 8 23.97 -9.43 -15.57
CA PRO A 8 24.34 -8.33 -14.67
C PRO A 8 23.49 -8.29 -13.41
N ILE A 9 24.14 -8.02 -12.28
CA ILE A 9 23.41 -8.10 -10.97
C ILE A 9 22.27 -7.12 -10.79
N GLY A 10 22.33 -6.01 -11.53
CA GLY A 10 21.27 -5.02 -11.53
C GLY A 10 19.91 -5.54 -11.98
N ASN A 11 19.89 -6.68 -12.63
CA ASN A 11 18.66 -7.43 -12.96
C ASN A 11 17.91 -8.04 -11.76
N TYR A 12 18.58 -8.18 -10.65
CA TYR A 12 18.02 -8.92 -9.49
C TYR A 12 16.90 -8.07 -8.84
N VAL A 13 15.75 -8.70 -8.59
CA VAL A 13 14.67 -8.11 -7.84
C VAL A 13 14.54 -8.94 -6.55
N SER A 14 14.63 -8.26 -5.44
CA SER A 14 14.43 -8.88 -4.13
C SER A 14 13.04 -9.40 -3.95
N LEU A 15 12.95 -10.56 -3.30
CA LEU A 15 11.69 -11.20 -3.01
C LEU A 15 11.52 -11.46 -1.50
N TYR A 16 10.48 -10.84 -0.95
CA TYR A 16 10.09 -10.95 0.47
C TYR A 16 8.80 -11.69 0.59
N VAL A 17 8.57 -12.35 1.73
CA VAL A 17 7.32 -13.07 1.99
C VAL A 17 6.67 -12.51 3.23
N MET A 18 5.38 -12.26 3.14
CA MET A 18 4.61 -11.77 4.27
C MET A 18 4.41 -12.94 5.27
N LEU A 19 4.66 -12.62 6.53
CA LEU A 19 4.47 -13.54 7.65
C LEU A 19 2.98 -13.73 7.91
N PRO A 20 2.61 -14.88 8.48
CA PRO A 20 1.23 -15.01 8.86
C PRO A 20 0.79 -13.88 9.80
N LEU A 21 -0.48 -13.51 9.70
CA LEU A 21 -1.06 -12.56 10.66
C LEU A 21 -1.12 -13.17 12.09
N GLY A 22 -0.74 -12.37 13.07
CA GLY A 22 -0.78 -12.79 14.45
C GLY A 22 0.48 -13.46 14.90
N VAL A 23 1.50 -13.46 14.08
CA VAL A 23 2.76 -14.05 14.47
C VAL A 23 3.22 -13.53 15.87
N VAL A 24 2.99 -12.24 16.11
CA VAL A 24 2.91 -11.73 17.46
C VAL A 24 1.43 -11.51 17.70
N ASN A 25 0.92 -12.05 18.82
CA ASN A 25 -0.54 -12.11 19.01
C ASN A 25 -1.07 -10.87 19.75
N ALA A 26 -2.37 -10.83 19.95
CA ALA A 26 -3.00 -9.64 20.59
C ALA A 26 -2.60 -9.41 22.05
N ASP A 27 -2.11 -10.43 22.76
CA ASP A 27 -1.51 -10.22 24.11
C ASP A 27 -0.02 -9.84 24.10
N ASN A 28 0.56 -9.64 22.91
CA ASN A 28 1.93 -9.22 22.78
C ASN A 28 2.85 -10.36 23.21
N VAL A 29 2.47 -11.55 22.80
CA VAL A 29 3.25 -12.73 23.01
C VAL A 29 3.58 -13.26 21.61
N PHE A 30 4.78 -13.82 21.45
CA PHE A 30 5.16 -14.52 20.21
C PHE A 30 5.04 -16.05 20.48
N PRO A 31 3.91 -16.69 20.12
CA PRO A 31 3.75 -18.14 20.28
C PRO A 31 4.31 -19.01 19.13
N ASP A 32 4.36 -20.33 19.35
CA ASP A 32 4.79 -21.33 18.34
C ASP A 32 6.16 -20.97 17.78
N LYS A 33 7.07 -20.55 18.65
CA LYS A 33 8.38 -20.15 18.18
C LYS A 33 9.04 -21.19 17.26
N GLU A 34 8.81 -22.48 17.52
CA GLU A 34 9.52 -23.56 16.78
C GLU A 34 8.95 -23.68 15.40
N LYS A 35 7.64 -23.61 15.31
CA LYS A 35 6.97 -23.67 14.02
C LYS A 35 7.44 -22.51 13.11
N VAL A 36 7.45 -21.30 13.68
CA VAL A 36 7.83 -20.10 12.97
C VAL A 36 9.28 -20.20 12.55
N GLU A 37 10.16 -20.57 13.49
CA GLU A 37 11.57 -20.79 13.16
C GLU A 37 11.74 -21.74 11.98
N ASP A 38 10.89 -22.76 11.94
CA ASP A 38 10.96 -23.72 10.88
C ASP A 38 10.54 -23.15 9.52
N GLU A 39 9.45 -22.38 9.54
CA GLU A 39 8.95 -21.75 8.33
C GLU A 39 10.00 -20.78 7.75
N LEU A 40 10.63 -20.03 8.65
CA LEU A 40 11.61 -19.06 8.29
C LEU A 40 12.76 -19.75 7.62
N LYS A 41 13.14 -20.94 8.13
CA LYS A 41 14.20 -21.73 7.54
C LYS A 41 13.85 -22.24 6.18
N GLN A 42 12.62 -22.64 5.98
CA GLN A 42 12.20 -23.08 4.67
C GLN A 42 12.21 -21.93 3.60
N VAL A 43 11.65 -20.80 4.00
CA VAL A 43 11.66 -19.56 3.21
C VAL A 43 13.07 -19.15 2.82
N LYS A 44 13.97 -19.07 3.79
CA LYS A 44 15.37 -18.83 3.50
C LYS A 44 15.96 -19.86 2.52
N ALA A 45 15.73 -21.14 2.77
CA ALA A 45 16.29 -22.20 1.93
C ALA A 45 15.70 -22.19 0.52
N GLY A 46 14.48 -21.68 0.37
CA GLY A 46 13.93 -21.42 -0.95
C GLY A 46 14.51 -20.24 -1.73
N GLY A 47 15.36 -19.44 -1.09
CA GLY A 47 16.09 -18.34 -1.69
C GLY A 47 15.56 -16.93 -1.42
N CYS A 48 14.51 -16.81 -0.62
CA CYS A 48 13.89 -15.50 -0.36
C CYS A 48 14.81 -14.59 0.36
N ASP A 49 14.71 -13.30 0.06
CA ASP A 49 15.55 -12.27 0.65
C ASP A 49 15.11 -11.86 2.07
N GLY A 50 13.81 -11.99 2.36
CA GLY A 50 13.35 -11.49 3.63
C GLY A 50 11.88 -11.70 3.85
N VAL A 51 11.38 -11.06 4.92
CA VAL A 51 9.98 -11.19 5.30
C VAL A 51 9.40 -9.84 5.66
N MET A 52 8.08 -9.76 5.55
CA MET A 52 7.32 -8.54 5.93
C MET A 52 6.40 -8.86 7.10
N VAL A 53 6.33 -7.97 8.07
CA VAL A 53 5.41 -8.16 9.18
C VAL A 53 4.76 -6.89 9.61
N ASP A 54 3.51 -7.00 10.07
CA ASP A 54 2.77 -5.85 10.61
C ASP A 54 3.23 -5.60 12.06
N VAL A 55 3.51 -4.36 12.40
CA VAL A 55 3.89 -3.99 13.75
C VAL A 55 2.64 -3.24 14.27
N TRP A 56 1.78 -3.99 14.98
CA TRP A 56 0.40 -3.52 15.29
C TRP A 56 0.31 -2.52 16.35
N TRP A 57 -0.22 -1.33 16.03
CA TRP A 57 -0.36 -0.28 17.03
C TRP A 57 -1.11 -0.80 18.28
N GLY A 58 -2.15 -1.59 18.06
CA GLY A 58 -3.01 -2.07 19.16
C GLY A 58 -2.34 -3.14 20.01
N ILE A 59 -1.20 -3.71 19.58
CA ILE A 59 -0.35 -4.54 20.44
C ILE A 59 0.58 -3.66 21.22
N ILE A 60 1.34 -2.80 20.54
CA ILE A 60 2.51 -2.15 21.13
C ILE A 60 2.11 -1.12 22.17
N GLU A 61 1.15 -0.26 21.83
CA GLU A 61 0.77 0.85 22.68
C GLU A 61 -0.57 0.55 23.40
N ALA A 62 -0.85 -0.74 23.67
CA ALA A 62 -2.15 -1.13 24.18
C ALA A 62 -2.46 -0.59 25.60
N LYS A 63 -1.49 -0.44 26.48
CA LYS A 63 -1.87 -0.22 27.89
C LYS A 63 -2.17 1.23 28.17
N GLY A 64 -1.62 2.09 27.35
CA GLY A 64 -1.95 3.46 27.42
C GLY A 64 -1.03 4.28 26.63
N PRO A 65 -1.26 5.61 26.61
CA PRO A 65 -0.45 6.56 25.84
C PRO A 65 1.02 6.52 26.20
N LYS A 66 1.86 6.29 25.20
CA LYS A 66 3.29 6.12 25.34
C LYS A 66 3.74 5.01 26.26
N GLN A 67 2.93 3.98 26.45
CA GLN A 67 3.39 2.81 27.11
C GLN A 67 3.62 1.85 26.00
N TYR A 68 4.85 1.74 25.54
CA TYR A 68 5.12 0.89 24.38
C TYR A 68 5.82 -0.33 24.83
N ASP A 69 5.39 -1.51 24.39
CA ASP A 69 6.09 -2.75 24.72
C ASP A 69 6.55 -3.48 23.48
N TRP A 70 7.87 -3.44 23.24
CA TRP A 70 8.49 -3.93 22.00
C TRP A 70 9.07 -5.34 22.15
N SER A 71 8.85 -5.97 23.31
CA SER A 71 9.53 -7.21 23.67
C SER A 71 9.36 -8.35 22.72
N ALA A 72 8.11 -8.64 22.39
CA ALA A 72 7.84 -9.78 21.55
C ALA A 72 8.29 -9.52 20.11
N TYR A 73 8.20 -8.28 19.65
CA TYR A 73 8.69 -7.95 18.31
C TYR A 73 10.22 -8.04 18.26
N ARG A 74 10.93 -7.64 19.31
CA ARG A 74 12.37 -7.89 19.31
C ARG A 74 12.74 -9.36 19.19
N GLU A 75 11.98 -10.26 19.85
CA GLU A 75 12.27 -11.70 19.85
C GLU A 75 12.04 -12.20 18.44
N LEU A 76 10.93 -11.75 17.83
CA LEU A 76 10.67 -12.13 16.44
C LEU A 76 11.76 -11.66 15.50
N PHE A 77 12.10 -10.40 15.57
CA PHE A 77 13.12 -9.84 14.69
C PHE A 77 14.47 -10.57 14.86
N GLN A 78 14.82 -10.86 16.11
CA GLN A 78 16.07 -11.59 16.39
C GLN A 78 16.07 -12.97 15.73
N LEU A 79 14.94 -13.65 15.78
CA LEU A 79 14.78 -14.93 15.13
C LEU A 79 14.90 -14.86 13.60
N VAL A 80 14.26 -13.84 13.00
CA VAL A 80 14.31 -13.63 11.52
C VAL A 80 15.75 -13.43 11.11
N LYS A 81 16.47 -12.56 11.82
CA LYS A 81 17.87 -12.26 11.58
C LYS A 81 18.73 -13.52 11.69
N LYS A 82 18.45 -14.31 12.70
CA LYS A 82 19.20 -15.55 12.91
C LYS A 82 18.94 -16.51 11.80
N CYS A 83 17.75 -16.55 11.21
CA CYS A 83 17.53 -17.39 10.02
C CYS A 83 18.07 -16.78 8.70
N GLY A 84 18.78 -15.67 8.75
CA GLY A 84 19.48 -15.12 7.57
C GLY A 84 18.57 -14.22 6.71
N LEU A 85 17.51 -13.67 7.29
CA LEU A 85 16.50 -12.92 6.53
C LEU A 85 16.40 -11.45 6.92
N LYS A 86 16.10 -10.63 5.91
CA LYS A 86 15.85 -9.21 6.12
C LYS A 86 14.41 -9.00 6.52
N ILE A 87 14.16 -7.86 7.13
CA ILE A 87 12.86 -7.49 7.64
C ILE A 87 12.31 -6.19 7.00
N GLN A 88 11.06 -6.30 6.53
CA GLN A 88 10.24 -5.13 6.20
C GLN A 88 9.21 -4.96 7.28
N ALA A 89 9.18 -3.83 7.96
CA ALA A 89 8.25 -3.64 9.08
C ALA A 89 7.18 -2.63 8.68
N ILE A 90 5.94 -2.98 8.91
CA ILE A 90 4.82 -2.05 8.65
C ILE A 90 4.44 -1.39 9.93
N MET A 91 4.36 -0.07 9.94
CA MET A 91 3.85 0.68 11.09
C MET A 91 2.30 0.66 10.93
N SER A 92 1.65 -0.29 11.60
CA SER A 92 0.27 -0.62 11.31
C SER A 92 -0.62 0.08 12.31
N PHE A 93 -1.04 1.30 11.96
CA PHE A 93 -1.89 2.13 12.75
C PHE A 93 -3.37 1.80 12.46
N HIS A 94 -3.68 0.54 12.25
CA HIS A 94 -4.99 0.13 11.85
C HIS A 94 -5.31 -1.23 12.48
N GLN A 95 -6.53 -1.63 12.25
CA GLN A 95 -7.10 -2.84 12.81
C GLN A 95 -6.74 -4.07 11.98
N CYS A 96 -6.41 -5.15 12.66
CA CYS A 96 -6.27 -6.48 12.08
C CYS A 96 -7.49 -7.34 12.36
N GLY A 97 -8.08 -7.90 11.33
CA GLY A 97 -9.18 -8.89 11.40
C GLY A 97 -10.46 -8.32 11.98
N GLY A 98 -11.14 -9.11 12.79
CA GLY A 98 -12.39 -8.72 13.47
C GLY A 98 -13.65 -9.39 12.91
N ASN A 99 -13.54 -10.09 11.77
CA ASN A 99 -14.71 -10.82 11.19
C ASN A 99 -14.72 -12.25 11.61
N VAL A 100 -15.85 -12.90 11.34
CA VAL A 100 -16.06 -14.28 11.83
C VAL A 100 -14.99 -15.19 11.23
N GLY A 101 -14.68 -15.00 9.95
CA GLY A 101 -13.56 -15.75 9.37
C GLY A 101 -12.27 -15.66 10.16
N ASP A 102 -11.91 -14.45 10.59
CA ASP A 102 -10.53 -14.07 10.82
C ASP A 102 -9.99 -14.70 12.04
N ALA A 103 -8.83 -15.31 11.90
CA ALA A 103 -8.20 -16.00 12.98
C ALA A 103 -7.61 -15.05 14.01
N VAL A 104 -7.38 -13.77 13.67
CA VAL A 104 -6.89 -12.86 14.69
C VAL A 104 -7.63 -11.52 14.65
N PHE A 105 -7.85 -10.91 15.81
CA PHE A 105 -8.48 -9.61 15.95
C PHE A 105 -7.57 -8.69 16.75
N ILE A 106 -7.00 -7.64 16.15
CA ILE A 106 -6.24 -6.64 16.89
C ILE A 106 -6.79 -5.23 16.57
N PRO A 107 -7.69 -4.68 17.38
CA PRO A 107 -8.13 -3.29 17.16
C PRO A 107 -7.04 -2.29 17.46
N ILE A 108 -7.22 -1.05 17.02
CA ILE A 108 -6.35 0.02 17.48
C ILE A 108 -6.53 0.13 19.03
N PRO A 109 -5.63 0.81 19.71
CA PRO A 109 -5.70 0.82 21.21
C PRO A 109 -7.05 1.15 21.80
N GLN A 110 -7.44 0.43 22.84
CA GLN A 110 -8.76 0.69 23.45
C GLN A 110 -8.92 2.11 24.00
N TRP A 111 -7.85 2.70 24.50
CA TRP A 111 -7.92 4.06 25.01
C TRP A 111 -8.19 5.10 23.85
N ILE A 112 -7.94 4.72 22.62
CA ILE A 112 -8.39 5.54 21.46
C ILE A 112 -9.85 5.27 21.14
N LEU A 113 -10.22 4.00 21.03
CA LEU A 113 -11.59 3.60 20.80
C LEU A 113 -12.56 4.14 21.83
N GLN A 114 -12.10 4.32 23.08
CA GLN A 114 -12.98 4.93 24.12
C GLN A 114 -13.29 6.35 23.81
N ILE A 115 -12.33 7.07 23.24
CA ILE A 115 -12.57 8.40 22.77
C ILE A 115 -13.65 8.38 21.67
N GLY A 116 -13.60 7.35 20.82
CA GLY A 116 -14.60 7.23 19.75
C GLY A 116 -16.03 6.98 20.16
N ASP A 117 -16.24 6.48 21.37
CA ASP A 117 -17.62 6.25 21.85
C ASP A 117 -18.34 7.50 22.09
N LYS A 118 -17.65 8.50 22.61
CA LYS A 118 -18.22 9.78 22.79
C LYS A 118 -17.97 10.72 21.63
N ASN A 119 -16.96 10.44 20.76
CA ASN A 119 -16.72 11.27 19.54
C ASN A 119 -16.53 10.38 18.30
N PRO A 120 -17.64 9.88 17.73
CA PRO A 120 -17.59 8.97 16.57
C PRO A 120 -17.05 9.64 15.29
N ASP A 121 -16.96 10.94 15.27
CA ASP A 121 -16.37 11.66 14.13
C ASP A 121 -14.83 11.57 14.02
N ILE A 122 -14.18 10.84 14.95
CA ILE A 122 -12.76 10.49 14.78
C ILE A 122 -12.53 9.41 13.67
N PHE A 123 -13.62 8.82 13.17
CA PHE A 123 -13.61 7.75 12.19
C PHE A 123 -14.16 8.20 10.84
N TYR A 124 -13.59 7.64 9.76
CA TYR A 124 -14.18 7.81 8.42
C TYR A 124 -15.65 7.37 8.44
N THR A 125 -16.49 8.21 7.85
CA THR A 125 -17.93 8.11 7.95
C THR A 125 -18.52 8.21 6.56
N ASN A 126 -19.48 7.34 6.25
CA ASN A 126 -20.17 7.33 4.98
C ASN A 126 -21.44 8.20 5.10
N ARG A 127 -22.14 8.42 4.01
CA ARG A 127 -23.21 9.43 4.09
C ARG A 127 -24.40 8.97 4.95
N ALA A 128 -24.59 7.66 5.03
CA ALA A 128 -25.59 7.13 5.99
C ALA A 128 -25.18 7.25 7.47
N GLY A 129 -23.95 7.67 7.76
CA GLY A 129 -23.55 7.85 9.13
C GLY A 129 -22.87 6.61 9.73
N ASN A 130 -22.55 5.59 8.94
CA ASN A 130 -21.71 4.45 9.41
C ASN A 130 -20.24 4.89 9.68
N ARG A 131 -19.70 4.44 10.81
CA ARG A 131 -18.34 4.76 11.25
C ARG A 131 -17.46 3.55 11.03
N ASN A 132 -16.34 3.71 10.37
CA ASN A 132 -15.33 2.68 10.27
C ASN A 132 -14.29 2.83 11.38
N GLN A 133 -14.23 1.86 12.30
CA GLN A 133 -13.34 1.95 13.50
C GLN A 133 -11.94 1.45 13.30
N GLU A 134 -11.58 1.15 12.06
CA GLU A 134 -10.31 0.49 11.78
C GLU A 134 -9.11 1.45 11.72
N TYR A 135 -9.36 2.76 11.75
CA TYR A 135 -8.32 3.75 11.45
C TYR A 135 -8.87 5.10 11.83
N LEU A 136 -8.01 6.00 12.25
CA LEU A 136 -8.47 7.35 12.56
C LEU A 136 -8.56 8.21 11.27
N SER A 137 -9.72 8.86 11.06
CA SER A 137 -9.91 9.72 9.87
C SER A 137 -8.80 10.73 9.74
N LEU A 138 -8.37 11.02 8.50
CA LEU A 138 -7.50 12.16 8.28
C LEU A 138 -8.03 13.47 8.84
N GLY A 139 -9.34 13.59 9.00
CA GLY A 139 -9.86 14.79 9.60
C GLY A 139 -9.35 15.05 11.03
N VAL A 140 -8.85 14.05 11.72
CA VAL A 140 -8.30 14.23 13.09
C VAL A 140 -6.76 14.21 13.15
N ASP A 141 -6.09 14.26 11.99
CA ASP A 141 -4.61 14.27 11.98
C ASP A 141 -4.04 15.34 12.88
N ASN A 142 -4.65 16.53 12.82
CA ASN A 142 -4.17 17.69 13.55
C ASN A 142 -5.15 18.17 14.66
N GLN A 143 -6.10 17.32 15.09
CA GLN A 143 -7.01 17.60 16.16
C GLN A 143 -6.45 16.99 17.48
N ARG A 144 -6.30 17.82 18.52
CA ARG A 144 -5.61 17.42 19.76
C ARG A 144 -6.63 16.81 20.67
N LEU A 145 -7.11 15.62 20.32
CA LEU A 145 -8.20 14.95 20.97
C LEU A 145 -7.80 13.77 21.83
N PHE A 146 -6.57 13.30 21.69
CA PHE A 146 -6.19 11.99 22.19
C PHE A 146 -5.25 12.14 23.39
N GLN A 147 -5.89 12.36 24.55
CA GLN A 147 -5.18 12.63 25.80
C GLN A 147 -4.03 13.60 25.57
N GLY A 148 -4.33 14.71 24.94
CA GLY A 148 -3.36 15.76 24.76
C GLY A 148 -2.50 15.67 23.53
N ARG A 149 -2.69 14.63 22.69
CA ARG A 149 -1.95 14.50 21.46
C ARG A 149 -2.92 14.51 20.29
N THR A 150 -2.39 14.96 19.15
CA THR A 150 -3.03 14.78 17.80
C THR A 150 -2.71 13.44 17.18
N ALA A 151 -3.44 12.99 16.18
CA ALA A 151 -3.11 11.70 15.57
C ALA A 151 -1.72 11.65 14.96
N LEU A 152 -1.33 12.68 14.23
CA LEU A 152 0.03 12.76 13.68
C LEU A 152 1.13 12.64 14.74
N GLU A 153 0.96 13.30 15.86
CA GLU A 153 1.91 13.17 16.96
C GLU A 153 1.99 11.73 17.48
N MET A 154 0.85 11.05 17.58
CA MET A 154 0.84 9.66 18.00
C MET A 154 1.66 8.81 17.05
N TYR A 155 1.44 9.04 15.75
CA TYR A 155 2.19 8.25 14.73
C TYR A 155 3.68 8.51 14.85
N ARG A 156 4.05 9.78 14.95
CA ARG A 156 5.43 10.19 15.15
C ARG A 156 6.06 9.53 16.40
N ASP A 157 5.39 9.62 17.53
CA ASP A 157 5.94 9.12 18.79
C ASP A 157 6.09 7.62 18.73
N PHE A 158 5.15 6.94 18.12
CA PHE A 158 5.28 5.47 17.91
C PHE A 158 6.51 5.13 17.04
N MET A 159 6.65 5.81 15.90
CA MET A 159 7.79 5.55 15.05
C MET A 159 9.11 5.90 15.74
N GLU A 160 9.13 6.97 16.50
CA GLU A 160 10.37 7.28 17.25
C GLU A 160 10.74 6.19 18.23
N SER A 161 9.75 5.70 18.93
CA SER A 161 9.96 4.63 19.86
C SER A 161 10.44 3.35 19.17
N PHE A 162 9.82 3.00 18.03
CA PHE A 162 10.27 1.89 17.26
C PHE A 162 11.74 2.08 16.86
N ARG A 163 12.09 3.23 16.33
CA ARG A 163 13.48 3.45 15.90
C ARG A 163 14.47 3.24 17.09
N ASP A 164 14.12 3.84 18.20
CA ASP A 164 15.01 3.85 19.35
C ASP A 164 15.12 2.44 19.95
N ASN A 165 14.07 1.66 19.85
CA ASN A 165 14.02 0.33 20.44
C ASN A 165 14.48 -0.76 19.50
N MET A 166 14.67 -0.41 18.21
CA MET A 166 15.18 -1.31 17.23
C MET A 166 16.49 -0.79 16.63
N ALA A 167 17.15 0.13 17.32
CA ALA A 167 18.37 0.79 16.85
C ALA A 167 19.45 -0.16 16.35
N ASP A 168 19.59 -1.29 17.03
CA ASP A 168 20.61 -2.31 16.66
C ASP A 168 20.27 -3.09 15.37
N PHE A 169 19.00 -3.50 15.21
CA PHE A 169 18.55 -4.07 13.94
C PHE A 169 18.69 -3.01 12.81
N LEU A 170 18.43 -1.75 13.12
CA LEU A 170 18.50 -0.71 12.09
C LEU A 170 19.98 -0.49 11.69
N LYS A 171 20.88 -0.37 12.65
CA LYS A 171 22.34 -0.31 12.35
C LYS A 171 22.92 -1.48 11.62
N ALA A 172 22.55 -2.68 12.05
CA ALA A 172 23.08 -3.84 11.40
C ALA A 172 22.58 -4.08 9.96
N GLY A 173 21.54 -3.37 9.49
CA GLY A 173 20.96 -3.65 8.11
C GLY A 173 19.98 -4.76 8.11
N ASP A 174 19.45 -5.12 9.26
CA ASP A 174 18.49 -6.20 9.34
C ASP A 174 17.07 -5.76 8.93
N ILE A 175 16.72 -4.54 9.33
CA ILE A 175 15.49 -3.86 8.92
C ILE A 175 15.87 -2.96 7.76
N VAL A 176 15.20 -3.22 6.67
CA VAL A 176 15.52 -2.70 5.36
C VAL A 176 14.41 -1.74 4.82
N ASP A 177 13.20 -1.85 5.33
CA ASP A 177 12.04 -1.07 4.81
C ASP A 177 11.07 -0.79 5.95
N ILE A 178 10.60 0.47 6.05
CA ILE A 178 9.54 0.81 6.95
C ILE A 178 8.34 1.17 6.02
N GLU A 179 7.25 0.41 6.07
CA GLU A 179 6.02 0.75 5.32
C GLU A 179 5.16 1.52 6.29
N VAL A 180 4.80 2.75 5.99
CA VAL A 180 4.11 3.61 6.91
C VAL A 180 2.62 3.50 6.60
N GLY A 181 1.84 2.99 7.55
CA GLY A 181 0.42 2.74 7.36
C GLY A 181 -0.32 4.08 7.33
N CYS A 182 -1.13 4.28 6.32
CA CYS A 182 -1.80 5.54 6.05
C CYS A 182 -3.31 5.42 5.96
N GLY A 183 -3.87 4.29 6.35
CA GLY A 183 -5.33 4.14 6.30
C GLY A 183 -5.65 2.79 6.76
N ALA A 184 -6.91 2.41 6.61
CA ALA A 184 -7.37 1.06 6.92
C ALA A 184 -6.60 0.11 6.06
N ALA A 185 -6.28 -1.07 6.64
CA ALA A 185 -5.43 -2.04 5.98
C ALA A 185 -4.04 -1.47 5.67
N GLY A 186 -3.64 -0.37 6.31
CA GLY A 186 -2.32 0.15 6.04
C GLY A 186 -2.22 0.96 4.72
N GLU A 187 -3.30 1.10 3.96
CA GLU A 187 -3.18 1.72 2.63
C GLU A 187 -3.52 3.19 2.56
N LEU A 188 -2.84 3.94 1.72
CA LEU A 188 -3.17 5.35 1.53
C LEU A 188 -4.36 5.41 0.60
N ARG A 189 -5.53 5.44 1.19
CA ARG A 189 -6.81 5.57 0.55
C ARG A 189 -7.89 5.71 1.60
N TYR A 190 -9.07 6.11 1.16
CA TYR A 190 -10.28 6.12 1.96
C TYR A 190 -10.85 4.71 1.98
N PRO A 191 -11.52 4.33 3.08
CA PRO A 191 -12.07 2.95 3.22
C PRO A 191 -13.41 2.83 2.51
N SER A 192 -13.34 2.90 1.19
CA SER A 192 -14.50 3.10 0.36
C SER A 192 -15.24 1.83 -0.03
N TYR A 193 -14.63 0.66 0.21
CA TYR A 193 -15.24 -0.60 -0.13
C TYR A 193 -15.17 -1.59 1.06
N PRO A 194 -15.72 -1.18 2.21
CA PRO A 194 -15.59 -2.00 3.42
C PRO A 194 -16.52 -3.26 3.39
N GLU A 195 -15.92 -4.41 3.63
CA GLU A 195 -16.68 -5.64 3.72
C GLU A 195 -17.72 -5.56 4.87
N THR A 196 -17.38 -4.87 5.95
CA THR A 196 -18.20 -4.73 7.14
C THR A 196 -19.45 -3.92 6.93
N GLN A 197 -19.51 -3.12 5.86
CA GLN A 197 -20.77 -2.47 5.52
C GLN A 197 -21.46 -3.06 4.27
N GLY A 198 -21.09 -4.26 3.91
CA GLY A 198 -21.71 -5.00 2.85
C GLY A 198 -21.21 -4.86 1.43
N TRP A 199 -20.04 -4.24 1.21
CA TRP A 199 -19.48 -4.15 -0.15
C TRP A 199 -19.14 -5.55 -0.65
N VAL A 200 -19.48 -5.82 -1.93
CA VAL A 200 -18.97 -6.97 -2.66
C VAL A 200 -18.45 -6.51 -4.02
N PHE A 201 -17.38 -7.17 -4.47
CA PHE A 201 -16.79 -6.90 -5.77
C PHE A 201 -17.86 -7.13 -6.83
N PRO A 202 -18.04 -6.25 -7.82
CA PRO A 202 -17.23 -5.04 -8.09
C PRO A 202 -18.00 -3.75 -7.80
N GLY A 203 -18.49 -3.59 -6.59
CA GLY A 203 -19.28 -2.42 -6.30
C GLY A 203 -18.49 -1.10 -6.47
N ILE A 204 -19.13 -0.03 -6.87
CA ILE A 204 -18.42 1.26 -6.99
C ILE A 204 -17.86 1.84 -5.69
N GLY A 205 -18.30 1.37 -4.52
CA GLY A 205 -17.84 2.00 -3.31
C GLY A 205 -18.57 3.26 -2.95
N GLU A 206 -18.20 3.86 -1.83
CA GLU A 206 -18.81 5.12 -1.40
C GLU A 206 -17.80 6.06 -0.88
N PHE A 207 -18.05 7.36 -1.12
CA PHE A 207 -17.27 8.38 -0.51
C PHE A 207 -17.30 8.34 1.05
N GLN A 208 -16.18 8.69 1.67
CA GLN A 208 -15.91 8.49 3.09
C GLN A 208 -15.54 9.77 3.81
N CYS A 209 -16.18 10.87 3.42
CA CYS A 209 -15.79 12.22 3.89
C CYS A 209 -16.86 12.95 4.75
N TYR A 210 -17.76 12.18 5.38
CA TYR A 210 -18.91 12.75 6.06
C TYR A 210 -18.69 12.95 7.57
N ASP A 211 -17.50 12.69 8.11
CA ASP A 211 -17.22 13.03 9.53
C ASP A 211 -17.25 14.54 9.67
N LYS A 212 -17.58 15.04 10.86
CA LYS A 212 -17.77 16.49 11.09
C LYS A 212 -16.50 17.31 10.84
N TYR A 213 -15.32 16.71 11.01
CA TYR A 213 -14.11 17.41 10.73
C TYR A 213 -13.87 17.68 9.23
N MET A 214 -14.04 16.65 8.43
CA MET A 214 -13.89 16.79 6.99
C MET A 214 -15.05 17.68 6.45
N VAL A 215 -16.23 17.54 7.00
CA VAL A 215 -17.34 18.39 6.63
C VAL A 215 -17.10 19.87 6.89
N ALA A 216 -16.57 20.24 8.06
CA ALA A 216 -16.25 21.66 8.33
C ALA A 216 -15.22 22.16 7.29
N ASP A 217 -14.23 21.31 6.96
CA ASP A 217 -13.24 21.67 5.98
C ASP A 217 -13.86 21.88 4.58
N TRP A 218 -14.74 20.96 4.20
CA TRP A 218 -15.43 21.07 2.93
C TRP A 218 -16.21 22.37 2.83
N LYS A 219 -16.92 22.71 3.91
CA LYS A 219 -17.84 23.87 3.87
C LYS A 219 -17.05 25.15 3.67
N GLU A 220 -15.90 25.21 4.31
CA GLU A 220 -14.98 26.27 4.09
C GLU A 220 -14.41 26.36 2.70
N ALA A 221 -13.89 25.23 2.18
CA ALA A 221 -13.44 25.15 0.79
C ALA A 221 -14.47 25.60 -0.27
N VAL A 222 -15.75 25.17 -0.20
CA VAL A 222 -16.68 25.51 -1.23
C VAL A 222 -17.08 26.96 -1.17
N LYS A 223 -17.14 27.51 0.04
CA LYS A 223 -17.36 28.97 0.17
C LYS A 223 -16.29 29.78 -0.53
N GLN A 224 -15.03 29.37 -0.41
CA GLN A 224 -13.94 30.13 -1.05
C GLN A 224 -13.90 29.99 -2.54
N ALA A 225 -14.47 28.91 -3.08
CA ALA A 225 -14.57 28.74 -4.53
C ALA A 225 -15.71 29.60 -5.09
N GLY A 226 -16.56 30.12 -4.22
CA GLY A 226 -17.63 31.02 -4.59
C GLY A 226 -18.94 30.28 -4.76
N ASN A 227 -19.16 29.17 -4.00
CA ASN A 227 -20.34 28.28 -4.15
C ASN A 227 -20.75 27.70 -2.80
N ALA A 228 -21.03 28.58 -1.84
CA ALA A 228 -21.30 28.21 -0.43
C ALA A 228 -22.24 27.01 -0.28
N ASP A 229 -23.16 26.88 -1.22
CA ASP A 229 -24.25 25.90 -1.10
C ASP A 229 -23.97 24.55 -1.81
N TRP A 230 -22.75 24.35 -2.36
CA TRP A 230 -22.43 23.04 -2.97
C TRP A 230 -22.32 22.04 -1.83
N GLU A 231 -23.03 20.92 -1.98
CA GLU A 231 -22.99 19.90 -0.96
C GLU A 231 -22.11 18.77 -1.43
N MET A 232 -21.72 17.94 -0.46
CA MET A 232 -21.11 16.69 -0.78
C MET A 232 -22.09 15.84 -1.54
N PRO A 233 -21.59 14.80 -2.24
CA PRO A 233 -22.50 13.96 -2.99
C PRO A 233 -23.61 13.36 -2.15
N GLY A 234 -24.82 13.34 -2.71
CA GLY A 234 -25.96 12.78 -2.01
C GLY A 234 -26.38 11.42 -2.58
N LYS A 235 -27.70 11.23 -2.66
CA LYS A 235 -28.26 10.02 -3.22
C LYS A 235 -27.85 9.71 -4.63
N GLY A 236 -27.52 10.76 -5.36
CA GLY A 236 -26.98 10.62 -6.69
C GLY A 236 -25.74 9.79 -6.85
N ALA A 237 -24.97 9.66 -5.78
CA ALA A 237 -23.71 8.85 -5.83
C ALA A 237 -24.00 7.37 -5.73
N GLY A 238 -25.21 7.00 -5.33
CA GLY A 238 -25.58 5.59 -5.21
C GLY A 238 -24.97 5.00 -3.94
N THR A 239 -24.83 3.69 -3.87
CA THR A 239 -24.40 3.01 -2.65
C THR A 239 -23.33 2.01 -3.04
N TYR A 240 -22.77 1.33 -2.04
CA TYR A 240 -21.56 0.52 -2.24
C TYR A 240 -21.57 -0.41 -3.42
N ASN A 241 -22.70 -1.09 -3.66
CA ASN A 241 -22.75 -2.13 -4.71
C ASN A 241 -23.48 -1.76 -6.00
N ASP A 242 -23.76 -0.48 -6.18
CA ASP A 242 -24.14 0.04 -7.48
C ASP A 242 -23.03 -0.17 -8.54
N THR A 243 -23.45 0.00 -9.79
CA THR A 243 -22.62 0.12 -10.93
C THR A 243 -22.76 1.56 -11.36
N PRO A 244 -21.74 2.07 -12.09
CA PRO A 244 -21.75 3.51 -12.40
C PRO A 244 -22.95 3.99 -13.18
N ASP A 245 -23.41 3.20 -14.16
CA ASP A 245 -24.53 3.65 -15.01
C ASP A 245 -25.89 3.72 -14.25
N LYS A 246 -26.01 3.04 -13.13
CA LYS A 246 -27.20 3.20 -12.26
C LYS A 246 -27.17 4.40 -11.35
N THR A 247 -26.19 5.30 -11.49
CA THR A 247 -26.12 6.46 -10.59
C THR A 247 -26.19 7.69 -11.41
N GLU A 248 -26.53 8.79 -10.77
CA GLU A 248 -26.36 10.10 -11.39
C GLU A 248 -24.88 10.59 -11.37
N PHE A 249 -24.14 10.28 -10.31
CA PHE A 249 -22.81 10.89 -10.18
C PHE A 249 -21.82 10.29 -11.17
N PHE A 250 -21.90 8.97 -11.41
CA PHE A 250 -20.88 8.27 -12.16
C PHE A 250 -21.31 7.86 -13.55
N ARG A 251 -22.55 8.20 -13.96
CA ARG A 251 -22.98 7.80 -15.32
C ARG A 251 -22.19 8.61 -16.34
N PRO A 252 -22.08 8.14 -17.58
CA PRO A 252 -21.44 9.00 -18.60
C PRO A 252 -22.13 10.38 -18.62
N ASN A 253 -21.32 11.41 -18.65
CA ASN A 253 -21.77 12.78 -18.52
C ASN A 253 -22.50 13.08 -17.22
N GLY A 254 -22.25 12.29 -16.18
CA GLY A 254 -22.86 12.53 -14.90
C GLY A 254 -22.25 13.68 -14.13
N THR A 255 -22.62 13.70 -12.85
CA THR A 255 -22.17 14.73 -11.97
C THR A 255 -20.62 14.86 -11.85
N TYR A 256 -19.91 13.75 -11.99
CA TYR A 256 -18.46 13.75 -11.82
C TYR A 256 -17.79 14.72 -12.80
N LYS A 257 -18.46 14.94 -13.93
CA LYS A 257 -17.92 15.80 -14.95
C LYS A 257 -18.39 17.28 -14.89
N THR A 258 -19.27 17.59 -13.94
CA THR A 258 -19.71 18.99 -13.72
C THR A 258 -18.68 19.78 -12.95
N ASP A 259 -18.76 21.11 -13.02
CA ASP A 259 -17.89 21.91 -12.16
C ASP A 259 -17.95 21.56 -10.66
N MET A 260 -19.14 21.33 -10.10
CA MET A 260 -19.29 20.91 -8.70
C MET A 260 -18.61 19.54 -8.46
N GLY A 261 -18.86 18.61 -9.36
CA GLY A 261 -18.22 17.29 -9.27
C GLY A 261 -16.72 17.34 -9.27
N LYS A 262 -16.14 18.09 -10.20
CA LYS A 262 -14.68 18.22 -10.32
C LYS A 262 -14.13 18.89 -9.09
N PHE A 263 -14.87 19.88 -8.56
CA PHE A 263 -14.40 20.58 -7.39
C PHE A 263 -14.36 19.61 -6.20
N PHE A 264 -15.45 18.85 -6.00
CA PHE A 264 -15.53 17.87 -4.94
C PHE A 264 -14.41 16.83 -5.09
N LEU A 265 -14.25 16.25 -6.29
CA LEU A 265 -13.24 15.20 -6.49
C LEU A 265 -11.79 15.69 -6.27
N THR A 266 -11.52 16.96 -6.62
CA THR A 266 -10.26 17.57 -6.36
C THR A 266 -10.02 17.69 -4.85
N TRP A 267 -11.00 18.26 -4.12
CA TRP A 267 -10.87 18.47 -2.73
C TRP A 267 -10.61 17.11 -2.05
N TYR A 268 -11.42 16.09 -2.39
CA TYR A 268 -11.41 14.80 -1.77
C TYR A 268 -10.08 14.10 -1.97
N SER A 269 -9.64 14.05 -3.24
CA SER A 269 -8.32 13.48 -3.53
C SER A 269 -7.13 14.26 -2.93
N ASN A 270 -7.25 15.59 -2.88
CA ASN A 270 -6.20 16.41 -2.24
C ASN A 270 -6.10 16.19 -0.74
N LYS A 271 -7.22 15.97 -0.05
CA LYS A 271 -7.16 15.71 1.38
C LYS A 271 -6.38 14.41 1.61
N LEU A 272 -6.59 13.41 0.78
CA LEU A 272 -5.83 12.13 0.88
C LEU A 272 -4.32 12.31 0.61
N ILE A 273 -3.96 13.08 -0.41
CA ILE A 273 -2.58 13.40 -0.69
C ILE A 273 -1.94 14.18 0.47
N ILE A 274 -2.64 15.16 1.03
CA ILE A 274 -2.11 15.91 2.16
C ILE A 274 -1.89 15.01 3.40
N HIS A 275 -2.82 14.11 3.66
CA HIS A 275 -2.68 13.19 4.75
C HIS A 275 -1.40 12.32 4.56
N GLY A 276 -1.25 11.74 3.39
CA GLY A 276 0.02 11.02 3.07
C GLY A 276 1.26 11.84 3.27
N ASP A 277 1.22 13.06 2.77
CA ASP A 277 2.31 14.01 2.93
C ASP A 277 2.69 14.25 4.40
N GLN A 278 1.70 14.41 5.27
CA GLN A 278 1.95 14.71 6.67
C GLN A 278 2.44 13.47 7.43
N VAL A 279 1.91 12.29 7.08
CA VAL A 279 2.32 11.07 7.73
C VAL A 279 3.78 10.71 7.31
N LEU A 280 4.07 10.79 6.01
CA LEU A 280 5.39 10.49 5.53
C LEU A 280 6.42 11.53 5.95
N GLU A 281 6.02 12.76 6.12
CA GLU A 281 6.92 13.79 6.66
C GLU A 281 7.41 13.37 8.08
N GLU A 282 6.50 12.86 8.90
CA GLU A 282 6.85 12.38 10.23
C GLU A 282 7.76 11.19 10.16
N ALA A 283 7.49 10.28 9.25
CA ALA A 283 8.40 9.17 9.04
C ALA A 283 9.79 9.61 8.60
N ASN A 284 9.87 10.55 7.68
CA ASN A 284 11.14 10.96 7.19
C ASN A 284 11.99 11.59 8.35
N LYS A 285 11.35 12.48 9.11
CA LYS A 285 11.98 13.04 10.32
C LYS A 285 12.53 12.01 11.32
N VAL A 286 11.82 10.90 11.48
CA VAL A 286 12.29 9.83 12.35
C VAL A 286 13.45 9.07 11.75
N PHE A 287 13.32 8.68 10.49
CA PHE A 287 14.30 7.70 9.95
C PHE A 287 15.42 8.31 9.12
N VAL A 288 15.47 9.65 9.03
CA VAL A 288 16.41 10.33 8.12
C VAL A 288 17.82 9.92 8.56
N GLY A 289 18.70 9.72 7.60
CA GLY A 289 20.07 9.40 7.90
C GLY A 289 20.35 7.95 8.24
N LEU A 290 19.34 7.09 8.13
CA LEU A 290 19.48 5.66 8.26
C LEU A 290 19.32 4.98 6.90
N ARG A 291 19.97 3.82 6.77
CA ARG A 291 19.87 3.04 5.53
C ARG A 291 18.60 2.18 5.55
N VAL A 292 17.49 2.82 5.34
CA VAL A 292 16.21 2.14 5.31
C VAL A 292 15.36 2.88 4.29
N ASN A 293 14.50 2.14 3.57
CA ASN A 293 13.49 2.70 2.67
C ASN A 293 12.29 3.00 3.53
N ILE A 294 11.58 4.07 3.18
CA ILE A 294 10.26 4.34 3.77
C ILE A 294 9.28 4.27 2.57
N ALA A 295 8.13 3.65 2.79
CA ALA A 295 7.18 3.30 1.70
C ALA A 295 5.77 3.66 2.14
N ALA A 296 4.94 4.03 1.16
CA ALA A 296 3.49 4.07 1.35
C ALA A 296 2.83 3.03 0.42
N LYS A 297 1.78 2.39 0.89
CA LYS A 297 1.07 1.39 0.14
C LYS A 297 -0.23 1.98 -0.54
N VAL A 298 -0.31 1.88 -1.85
CA VAL A 298 -1.51 2.32 -2.61
C VAL A 298 -2.14 1.06 -3.14
N SER A 299 -3.44 0.87 -2.87
CA SER A 299 -4.12 -0.34 -3.38
C SER A 299 -4.51 -0.14 -4.84
N GLY A 300 -4.56 -1.28 -5.51
CA GLY A 300 -4.83 -1.40 -6.92
C GLY A 300 -6.34 -1.49 -7.04
N ILE A 301 -6.98 -0.40 -7.46
CA ILE A 301 -8.45 -0.42 -7.63
C ILE A 301 -8.70 -0.48 -9.12
N HIS A 302 -8.84 -1.70 -9.59
CA HIS A 302 -8.86 -2.01 -11.02
C HIS A 302 -10.27 -2.13 -11.62
N TRP A 303 -11.30 -2.18 -10.78
CA TRP A 303 -12.68 -2.34 -11.26
C TRP A 303 -13.19 -0.96 -11.66
N TRP A 304 -13.90 -0.88 -12.79
CA TRP A 304 -14.38 0.37 -13.46
C TRP A 304 -13.29 1.26 -14.03
N TYR A 305 -12.06 0.76 -14.07
CA TYR A 305 -10.99 1.46 -14.73
C TYR A 305 -11.32 1.71 -16.21
N ASN A 306 -11.99 0.75 -16.83
CA ASN A 306 -12.42 0.88 -18.23
C ASN A 306 -13.74 1.56 -18.41
N HIS A 307 -14.33 2.09 -17.36
CA HIS A 307 -15.51 2.93 -17.49
C HIS A 307 -15.07 4.41 -17.48
N VAL A 308 -15.77 5.30 -18.16
CA VAL A 308 -15.38 6.70 -18.13
C VAL A 308 -15.22 7.31 -16.75
N SER A 309 -16.07 6.92 -15.81
CA SER A 309 -16.04 7.46 -14.46
C SER A 309 -14.92 7.00 -13.55
N HIS A 310 -14.31 5.84 -13.82
CA HIS A 310 -13.31 5.28 -12.89
C HIS A 310 -13.92 5.33 -11.49
N ALA A 311 -15.18 4.91 -11.35
CA ALA A 311 -15.92 5.23 -10.15
C ALA A 311 -15.25 4.64 -8.88
N ALA A 312 -14.70 3.45 -8.92
CA ALA A 312 -14.14 2.85 -7.68
C ALA A 312 -12.82 3.51 -7.27
N GLU A 313 -12.00 3.89 -8.24
CA GLU A 313 -10.91 4.79 -8.00
C GLU A 313 -11.35 6.11 -7.36
N LEU A 314 -12.44 6.70 -7.84
CA LEU A 314 -12.84 8.00 -7.33
C LEU A 314 -13.28 7.92 -5.85
N THR A 315 -14.05 6.87 -5.50
CA THR A 315 -14.54 6.78 -4.12
C THR A 315 -13.39 6.46 -3.15
N ALA A 316 -12.36 5.77 -3.66
CA ALA A 316 -11.12 5.48 -2.88
C ALA A 316 -10.21 6.63 -2.68
N GLY A 317 -10.46 7.72 -3.41
CA GLY A 317 -9.71 8.95 -3.31
C GLY A 317 -8.69 9.25 -4.42
N PHE A 318 -8.63 8.42 -5.46
CA PHE A 318 -7.67 8.58 -6.56
C PHE A 318 -8.43 9.20 -7.75
N TYR A 319 -8.23 10.48 -7.97
CA TYR A 319 -8.99 11.19 -8.98
C TYR A 319 -8.34 11.01 -10.36
N ASN A 320 -8.56 9.82 -10.91
CA ASN A 320 -7.89 9.34 -12.07
C ASN A 320 -9.00 9.11 -13.13
N VAL A 321 -9.06 9.99 -14.10
CA VAL A 321 -10.04 9.93 -15.21
C VAL A 321 -9.29 10.30 -16.49
N ALA A 322 -9.93 10.15 -17.64
CA ALA A 322 -9.36 10.70 -18.89
C ALA A 322 -8.89 12.12 -18.80
N GLY A 323 -7.62 12.32 -19.18
CA GLY A 323 -6.95 13.63 -19.11
C GLY A 323 -6.49 14.07 -17.69
N ARG A 324 -6.63 13.20 -16.69
CA ARG A 324 -6.20 13.51 -15.32
C ARG A 324 -5.59 12.30 -14.63
N ASP A 325 -4.28 12.31 -14.52
CA ASP A 325 -3.51 11.27 -13.90
C ASP A 325 -3.60 11.46 -12.41
N GLY A 326 -4.33 10.56 -11.75
CA GLY A 326 -4.57 10.70 -10.32
C GLY A 326 -3.51 10.01 -9.44
N TYR A 327 -2.53 9.32 -10.07
CA TYR A 327 -1.45 8.64 -9.35
C TYR A 327 -0.11 9.39 -9.33
N ARG A 328 0.17 10.11 -10.40
CA ARG A 328 1.40 10.85 -10.50
C ARG A 328 1.57 11.89 -9.42
N PRO A 329 0.49 12.60 -9.05
CA PRO A 329 0.62 13.50 -7.93
C PRO A 329 0.97 12.81 -6.61
N ILE A 330 0.47 11.60 -6.41
CA ILE A 330 0.88 10.80 -5.22
C ILE A 330 2.36 10.47 -5.27
N ALA A 331 2.84 10.00 -6.44
CA ALA A 331 4.23 9.72 -6.61
C ALA A 331 5.10 10.94 -6.40
N ARG A 332 4.68 12.11 -6.90
CA ARG A 332 5.44 13.34 -6.67
C ARG A 332 5.52 13.75 -5.18
N MET A 333 4.43 13.55 -4.46
CA MET A 333 4.44 13.75 -3.02
C MET A 333 5.43 12.80 -2.34
N LEU A 334 5.39 11.53 -2.71
CA LEU A 334 6.32 10.56 -2.24
C LEU A 334 7.80 10.90 -2.48
N ALA A 335 8.09 11.44 -3.65
CA ALA A 335 9.45 11.82 -4.05
C ALA A 335 10.00 12.86 -3.13
N ARG A 336 9.16 13.75 -2.67
CA ARG A 336 9.60 14.78 -1.74
C ARG A 336 10.22 14.20 -0.46
N HIS A 337 9.65 13.10 0.04
CA HIS A 337 10.12 12.34 1.19
C HIS A 337 11.14 11.22 0.91
N HIS A 338 11.57 11.07 -0.32
CA HIS A 338 12.46 10.00 -0.75
C HIS A 338 11.88 8.64 -0.43
N ALA A 339 10.57 8.53 -0.57
CA ALA A 339 9.82 7.33 -0.26
C ALA A 339 9.52 6.50 -1.47
N THR A 340 9.23 5.25 -1.22
CA THR A 340 8.95 4.26 -2.23
C THR A 340 7.43 4.11 -2.27
N LEU A 341 6.90 3.80 -3.43
CA LEU A 341 5.52 3.45 -3.64
C LEU A 341 5.37 1.94 -3.69
N ASN A 342 4.55 1.36 -2.80
CA ASN A 342 4.24 -0.09 -2.79
CA ASN A 342 4.25 -0.10 -2.85
C ASN A 342 2.86 -0.27 -3.42
N PHE A 343 2.77 -0.95 -4.55
CA PHE A 343 1.49 -1.08 -5.24
C PHE A 343 1.06 -2.57 -5.24
N THR A 344 -0.19 -2.90 -5.58
CA THR A 344 -0.65 -4.32 -5.56
C THR A 344 -1.18 -4.74 -6.95
N CYS A 345 -1.71 -5.96 -7.07
CA CYS A 345 -2.30 -6.47 -8.33
C CYS A 345 -1.28 -6.89 -9.37
N LEU A 346 -0.03 -7.10 -8.93
CA LEU A 346 1.02 -7.43 -9.84
C LEU A 346 0.82 -8.75 -10.51
N GLU A 347 -0.07 -9.59 -9.98
CA GLU A 347 -0.29 -10.89 -10.55
C GLU A 347 -1.46 -10.99 -11.47
N MET A 348 -2.27 -9.95 -11.52
CA MET A 348 -3.59 -10.08 -12.14
C MET A 348 -3.57 -9.84 -13.61
N ARG A 349 -4.39 -10.61 -14.34
CA ARG A 349 -4.66 -10.41 -15.73
C ARG A 349 -6.09 -10.00 -15.93
N ASP A 350 -6.28 -9.07 -16.88
CA ASP A 350 -7.59 -8.59 -17.28
C ASP A 350 -8.57 -9.74 -17.61
N SER A 351 -8.09 -10.79 -18.26
CA SER A 351 -8.99 -11.89 -18.68
C SER A 351 -9.52 -12.70 -17.48
N GLU A 352 -8.97 -12.53 -16.29
CA GLU A 352 -9.39 -13.23 -15.07
C GLU A 352 -10.57 -12.54 -14.37
N GLN A 353 -10.97 -11.39 -14.87
CA GLN A 353 -11.98 -10.58 -14.18
C GLN A 353 -13.23 -10.71 -15.02
N PRO A 354 -14.40 -10.63 -14.43
CA PRO A 354 -15.62 -10.64 -15.26
C PRO A 354 -15.77 -9.40 -16.10
N ALA A 355 -16.34 -9.53 -17.29
CA ALA A 355 -16.38 -8.38 -18.25
C ALA A 355 -17.21 -7.20 -17.76
N GLU A 356 -18.22 -7.51 -16.95
CA GLU A 356 -19.18 -6.51 -16.43
C GLU A 356 -18.51 -5.56 -15.43
N ALA A 357 -17.44 -6.02 -14.78
CA ALA A 357 -16.64 -5.18 -13.89
C ALA A 357 -15.83 -4.04 -14.55
N LYS A 358 -15.65 -4.08 -15.90
CA LYS A 358 -14.85 -3.12 -16.62
C LYS A 358 -13.45 -2.93 -15.99
N SER A 359 -12.87 -4.07 -15.68
CA SER A 359 -11.71 -4.13 -14.86
C SER A 359 -10.44 -4.19 -15.71
N ALA A 360 -9.38 -3.43 -15.35
CA ALA A 360 -8.15 -3.46 -16.15
C ALA A 360 -6.89 -3.37 -15.26
N PRO A 361 -6.64 -4.43 -14.47
CA PRO A 361 -5.49 -4.42 -13.59
C PRO A 361 -4.19 -4.24 -14.35
N GLN A 362 -4.10 -4.79 -15.55
CA GLN A 362 -2.82 -4.70 -16.27
C GLN A 362 -2.45 -3.28 -16.66
N GLU A 363 -3.45 -2.54 -17.16
CA GLU A 363 -3.30 -1.15 -17.61
C GLU A 363 -3.17 -0.20 -16.37
N LEU A 364 -3.83 -0.56 -15.28
CA LEU A 364 -3.70 0.20 -13.99
C LEU A 364 -2.23 0.09 -13.46
N VAL A 365 -1.70 -1.10 -13.43
CA VAL A 365 -0.35 -1.33 -12.96
C VAL A 365 0.62 -0.56 -13.85
N GLN A 366 0.42 -0.68 -15.17
CA GLN A 366 1.27 0.04 -16.09
C GLN A 366 1.26 1.58 -15.91
N GLN A 367 0.09 2.14 -15.66
CA GLN A 367 -0.05 3.55 -15.41
C GLN A 367 0.68 3.95 -14.10
N VAL A 368 0.44 3.21 -13.01
CA VAL A 368 0.93 3.58 -11.68
C VAL A 368 2.48 3.39 -11.62
N LEU A 369 2.99 2.28 -12.12
CA LEU A 369 4.44 2.03 -12.16
C LEU A 369 5.14 3.08 -13.05
N SER A 370 4.55 3.38 -14.20
CA SER A 370 5.12 4.37 -15.08
C SER A 370 5.15 5.76 -14.44
N SER A 371 4.03 6.16 -13.80
CA SER A 371 3.94 7.46 -13.16
C SER A 371 4.92 7.57 -11.97
N GLY A 372 5.18 6.51 -11.23
CA GLY A 372 6.16 6.54 -10.18
C GLY A 372 7.59 6.65 -10.68
N TRP A 373 7.90 5.87 -11.71
CA TRP A 373 9.22 5.94 -12.33
C TRP A 373 9.49 7.31 -12.92
N LYS A 374 8.49 7.94 -13.49
CA LYS A 374 8.66 9.29 -14.08
C LYS A 374 8.89 10.37 -13.00
N GLU A 375 8.53 10.08 -11.75
CA GLU A 375 8.82 10.95 -10.63
C GLU A 375 10.08 10.59 -9.84
N TYR A 376 10.87 9.67 -10.37
CA TYR A 376 12.19 9.31 -9.83
C TYR A 376 12.08 8.68 -8.46
N ILE A 377 11.01 7.91 -8.28
CA ILE A 377 10.93 7.04 -7.09
C ILE A 377 11.05 5.61 -7.43
N ASP A 378 11.40 4.78 -6.45
CA ASP A 378 11.36 3.35 -6.60
C ASP A 378 9.89 2.88 -6.44
N VAL A 379 9.52 1.81 -7.12
CA VAL A 379 8.21 1.21 -6.97
C VAL A 379 8.38 -0.24 -6.69
N ALA A 380 7.76 -0.70 -5.60
CA ALA A 380 7.75 -2.09 -5.18
C ALA A 380 6.30 -2.51 -5.23
N GLY A 381 6.07 -3.78 -5.03
CA GLY A 381 4.69 -4.25 -5.03
C GLY A 381 4.45 -5.57 -4.41
N GLU A 382 3.19 -5.99 -4.50
CA GLU A 382 2.64 -7.27 -3.94
C GLU A 382 1.59 -7.84 -4.87
N ASN A 383 1.43 -9.14 -4.86
CA ASN A 383 0.20 -9.76 -5.32
C ASN A 383 -1.00 -9.37 -4.45
N ALA A 384 -2.12 -9.09 -5.10
CA ALA A 384 -3.36 -8.75 -4.46
C ALA A 384 -4.05 -9.98 -3.79
N LEU A 385 -4.01 -11.14 -4.43
CA LEU A 385 -4.74 -12.31 -3.92
C LEU A 385 -3.79 -13.48 -3.83
N PRO A 386 -4.08 -14.46 -2.94
CA PRO A 386 -3.15 -15.61 -2.92
C PRO A 386 -3.20 -16.43 -4.24
N ARG A 387 -2.04 -16.72 -4.81
CA ARG A 387 -1.94 -17.43 -6.05
C ARG A 387 -0.73 -18.33 -5.93
N TYR A 388 -0.87 -19.53 -6.48
CA TYR A 388 0.19 -20.55 -6.42
C TYR A 388 0.53 -21.12 -7.78
N ASP A 389 -0.08 -20.59 -8.83
CA ASP A 389 0.05 -21.09 -10.17
C ASP A 389 1.01 -20.26 -11.06
N ALA A 390 1.47 -20.92 -12.10
CA ALA A 390 2.49 -20.40 -13.00
C ALA A 390 2.03 -19.15 -13.74
N THR A 391 0.77 -19.07 -14.12
CA THR A 391 0.25 -17.88 -14.75
C THR A 391 0.42 -16.62 -13.89
N ALA A 392 0.09 -16.73 -12.61
CA ALA A 392 0.27 -15.67 -11.66
C ALA A 392 1.76 -15.28 -11.50
N TYR A 393 2.63 -16.25 -11.29
CA TYR A 393 4.02 -16.00 -11.12
C TYR A 393 4.59 -15.35 -12.34
N ASN A 394 4.16 -15.77 -13.53
CA ASN A 394 4.68 -15.15 -14.76
C ASN A 394 4.18 -13.73 -14.97
N GLN A 395 2.96 -13.42 -14.55
CA GLN A 395 2.49 -12.03 -14.59
C GLN A 395 3.27 -11.12 -13.64
N MET A 396 3.61 -11.60 -12.46
CA MET A 396 4.42 -10.82 -11.50
C MET A 396 5.83 -10.61 -12.03
N LEU A 397 6.39 -11.65 -12.63
CA LEU A 397 7.71 -11.53 -13.33
C LEU A 397 7.71 -10.54 -14.48
N LEU A 398 6.63 -10.47 -15.23
CA LEU A 398 6.45 -9.44 -16.25
C LEU A 398 6.43 -8.06 -15.63
N LEU A 399 5.63 -7.86 -14.57
CA LEU A 399 5.57 -6.57 -13.95
C LEU A 399 6.86 -6.09 -13.27
N VAL A 400 7.64 -6.98 -12.67
CA VAL A 400 8.86 -6.54 -12.02
C VAL A 400 9.98 -6.09 -13.01
N ARG A 401 9.91 -6.61 -14.24
CA ARG A 401 10.81 -6.23 -15.33
C ARG A 401 10.07 -6.19 -16.65
N PRO A 402 9.38 -5.06 -16.87
CA PRO A 402 8.45 -4.97 -17.96
C PRO A 402 9.08 -4.90 -19.33
N ASN A 403 10.40 -4.74 -19.40
CA ASN A 403 11.07 -4.92 -20.67
C ASN A 403 12.14 -6.03 -20.55
N GLY A 404 11.88 -7.00 -19.71
CA GLY A 404 12.74 -8.10 -19.44
C GLY A 404 14.10 -7.79 -18.88
N VAL A 405 14.99 -8.76 -18.96
CA VAL A 405 16.37 -8.58 -18.50
C VAL A 405 17.23 -7.79 -19.46
N ASN A 406 18.24 -7.11 -18.92
CA ASN A 406 19.21 -6.36 -19.67
C ASN A 406 20.59 -7.00 -19.47
N LEU A 407 21.11 -7.57 -20.55
CA LEU A 407 22.46 -8.15 -20.51
C LEU A 407 23.63 -7.14 -20.52
N ASN A 408 23.39 -5.86 -20.74
CA ASN A 408 24.41 -4.84 -20.78
C ASN A 408 24.50 -4.04 -19.52
N GLY A 409 23.60 -4.27 -18.56
CA GLY A 409 23.57 -3.51 -17.31
C GLY A 409 22.21 -3.65 -16.57
N PRO A 410 21.93 -2.78 -15.61
CA PRO A 410 20.61 -2.71 -14.96
C PRO A 410 19.46 -2.45 -15.97
N PRO A 411 18.31 -3.08 -15.77
CA PRO A 411 17.20 -2.82 -16.72
C PRO A 411 16.73 -1.35 -16.71
N LYS A 412 16.12 -0.94 -17.82
CA LYS A 412 15.47 0.36 -17.92
C LYS A 412 14.30 0.48 -16.90
N LEU A 413 13.48 -0.55 -16.88
CA LEU A 413 12.33 -0.64 -16.02
C LEU A 413 12.46 -1.81 -15.06
N LYS A 414 12.51 -1.52 -13.76
CA LYS A 414 12.60 -2.59 -12.75
C LYS A 414 11.97 -2.18 -11.49
N MET A 415 11.13 -3.02 -10.94
CA MET A 415 10.59 -2.76 -9.60
C MET A 415 11.68 -3.00 -8.58
N SER A 416 11.62 -2.29 -7.46
CA SER A 416 12.68 -2.42 -6.42
C SER A 416 12.54 -3.61 -5.49
N GLY A 417 11.40 -4.29 -5.58
CA GLY A 417 11.12 -5.46 -4.76
C GLY A 417 9.68 -5.93 -4.90
N LEU A 418 9.44 -7.20 -4.60
CA LEU A 418 8.13 -7.77 -4.55
C LEU A 418 7.95 -8.45 -3.18
N THR A 419 6.82 -8.21 -2.51
CA THR A 419 6.46 -8.91 -1.30
C THR A 419 5.25 -9.82 -1.58
N TYR A 420 5.44 -11.13 -1.42
CA TYR A 420 4.45 -12.14 -1.70
C TYR A 420 3.50 -12.37 -0.52
N LEU A 421 2.22 -12.27 -0.81
CA LEU A 421 1.13 -12.54 0.11
C LEU A 421 0.75 -14.03 -0.15
N ARG A 422 0.99 -14.94 0.80
CA ARG A 422 1.56 -14.73 2.13
C ARG A 422 2.10 -16.15 2.55
N LEU A 423 2.96 -16.19 3.55
CA LEU A 423 3.39 -17.46 4.12
C LEU A 423 2.18 -18.14 4.71
N SER A 424 1.99 -19.39 4.32
CA SER A 424 0.85 -20.17 4.75
C SER A 424 1.16 -21.65 4.58
N ASP A 425 0.25 -22.47 5.12
CA ASP A 425 0.32 -23.90 4.92
C ASP A 425 0.21 -24.26 3.44
N ASP A 426 -0.73 -23.66 2.72
CA ASP A 426 -0.83 -23.92 1.29
C ASP A 426 0.48 -23.62 0.54
N LEU A 427 1.18 -22.55 0.89
CA LEU A 427 2.44 -22.21 0.16
C LEU A 427 3.53 -23.27 0.36
N LEU A 428 3.65 -23.75 1.61
CA LEU A 428 4.68 -24.73 1.97
C LEU A 428 4.41 -26.15 1.53
N GLN A 429 3.18 -26.43 1.09
CA GLN A 429 2.87 -27.70 0.49
C GLN A 429 3.81 -27.92 -0.63
N THR A 430 4.28 -29.16 -0.64
CA THR A 430 5.41 -29.58 -1.44
C THR A 430 5.39 -29.12 -2.95
N ASP A 431 4.27 -29.34 -3.66
CA ASP A 431 4.11 -28.93 -5.06
C ASP A 431 4.19 -27.40 -5.24
N ASN A 432 3.40 -26.68 -4.45
CA ASN A 432 3.32 -25.22 -4.57
C ASN A 432 4.65 -24.62 -4.26
N PHE A 433 5.33 -25.17 -3.25
CA PHE A 433 6.57 -24.62 -2.83
C PHE A 433 7.64 -24.83 -3.88
N GLU A 434 7.55 -25.96 -4.64
CA GLU A 434 8.49 -26.20 -5.73
C GLU A 434 8.37 -25.15 -6.81
N LEU A 435 7.15 -24.79 -7.16
CA LEU A 435 6.90 -23.78 -8.15
C LEU A 435 7.35 -22.40 -7.66
N PHE A 436 7.02 -22.13 -6.41
CA PHE A 436 7.45 -20.92 -5.73
C PHE A 436 8.94 -20.72 -5.76
N LYS A 437 9.75 -21.76 -5.51
CA LYS A 437 11.19 -21.61 -5.62
C LYS A 437 11.71 -21.28 -7.03
N LYS A 438 11.01 -21.76 -8.04
CA LYS A 438 11.36 -21.35 -9.41
C LYS A 438 11.03 -19.90 -9.68
N PHE A 439 9.90 -19.46 -9.14
CA PHE A 439 9.53 -18.04 -9.17
C PHE A 439 10.61 -17.18 -8.53
N VAL A 440 11.14 -17.58 -7.38
CA VAL A 440 12.16 -16.80 -6.68
C VAL A 440 13.48 -16.75 -7.48
N LYS A 441 13.88 -17.87 -8.03
CA LYS A 441 15.03 -17.93 -8.92
C LYS A 441 14.88 -16.97 -10.13
N LYS A 442 13.67 -16.95 -10.71
CA LYS A 442 13.42 -15.99 -11.80
C LYS A 442 13.37 -14.54 -11.36
N MET A 443 12.81 -14.27 -10.18
CA MET A 443 12.86 -12.92 -9.57
C MET A 443 14.32 -12.43 -9.52
N HIS A 444 15.21 -13.34 -9.11
CA HIS A 444 16.65 -13.08 -9.03
C HIS A 444 17.40 -13.12 -10.36
N ALA A 445 16.68 -13.21 -11.50
CA ALA A 445 17.27 -13.24 -12.86
C ALA A 445 18.20 -14.45 -13.06
N ASP A 446 17.84 -15.54 -12.36
CA ASP A 446 18.61 -16.77 -12.25
C ASP A 446 19.92 -16.67 -11.53
N LEU A 447 20.22 -15.54 -10.88
CA LEU A 447 21.35 -15.48 -10.00
C LEU A 447 21.02 -16.27 -8.74
N ASP A 448 22.08 -16.49 -7.94
CA ASP A 448 21.93 -17.07 -6.60
C ASP A 448 21.41 -15.98 -5.67
N PRO A 449 20.70 -16.39 -4.61
CA PRO A 449 20.31 -15.39 -3.59
C PRO A 449 21.48 -14.54 -3.20
N SER A 450 21.34 -13.21 -3.09
CA SER A 450 22.48 -12.29 -3.02
C SER A 450 22.27 -11.22 -1.97
N PRO A 451 22.68 -11.43 -0.70
CA PRO A 451 22.74 -10.27 0.28
C PRO A 451 23.62 -9.08 -0.21
N ILE A 454 23.47 -5.86 -0.44
CA ILE A 454 23.76 -4.89 0.63
C ILE A 454 22.67 -3.77 0.68
N SER A 455 22.87 -2.77 1.54
CA SER A 455 21.80 -1.90 2.06
C SER A 455 20.97 -1.04 1.07
N PRO A 456 19.79 -0.55 1.53
CA PRO A 456 19.19 0.64 0.87
C PRO A 456 20.11 1.90 0.97
N ALA A 457 19.86 2.89 0.13
CA ALA A 457 20.56 4.18 0.24
C ALA A 457 20.26 4.74 1.61
N VAL A 458 21.09 5.68 2.04
CA VAL A 458 20.87 6.46 3.24
C VAL A 458 19.68 7.35 2.94
N LEU A 459 18.72 7.33 3.84
CA LEU A 459 17.51 8.14 3.66
C LEU A 459 17.76 9.64 3.78
N GLU A 460 17.52 10.33 2.68
CA GLU A 460 17.72 11.78 2.65
C GLU A 460 16.61 12.51 3.33
N ARG A 461 16.90 13.73 3.77
CA ARG A 461 15.90 14.55 4.41
C ARG A 461 14.87 15.03 3.36
N SER A 462 13.61 15.09 3.74
CA SER A 462 12.54 15.53 2.87
C SER A 462 12.90 16.86 2.23
N ASN A 463 12.56 17.02 0.96
CA ASN A 463 12.78 18.23 0.22
C ASN A 463 11.80 19.32 0.61
N SER A 464 12.07 20.56 0.17
CA SER A 464 11.20 21.69 0.55
C SER A 464 9.79 21.51 -0.01
N ALA A 465 8.87 22.12 0.69
CA ALA A 465 7.46 21.93 0.40
C ALA A 465 7.12 22.65 -0.90
N ILE A 466 6.19 22.06 -1.61
CA ILE A 466 5.52 22.73 -2.73
C ILE A 466 4.02 22.89 -2.42
N THR A 467 3.40 23.84 -3.11
CA THR A 467 2.00 24.12 -2.87
C THR A 467 1.11 23.04 -3.54
N ILE A 468 -0.13 22.92 -3.04
CA ILE A 468 -1.17 22.10 -3.69
C ILE A 468 -1.20 22.30 -5.17
N ASP A 469 -1.18 23.56 -5.60
CA ASP A 469 -1.22 23.87 -7.05
C ASP A 469 -0.02 23.47 -7.89
N GLU A 470 1.17 23.55 -7.34
CA GLU A 470 2.36 23.05 -8.03
C GLU A 470 2.26 21.53 -8.16
N LEU A 471 1.68 20.89 -7.15
CA LEU A 471 1.48 19.44 -7.22
C LEU A 471 0.48 19.01 -8.31
N MET A 472 -0.58 19.79 -8.49
CA MET A 472 -1.54 19.58 -9.58
C MET A 472 -0.99 19.61 -10.99
N GLU A 473 0.16 20.21 -11.18
CA GLU A 473 0.86 20.08 -12.47
C GLU A 473 1.13 18.62 -12.84
N ALA A 474 1.31 17.79 -11.81
CA ALA A 474 1.52 16.36 -12.05
C ALA A 474 0.29 15.60 -12.55
N THR A 475 -0.90 16.22 -12.58
CA THR A 475 -2.09 15.52 -13.12
C THR A 475 -2.16 15.47 -14.65
N LYS A 476 -1.30 16.20 -15.35
CA LYS A 476 -1.26 16.12 -16.81
C LYS A 476 -1.08 14.67 -17.31
N GLY A 477 -2.01 14.18 -18.13
CA GLY A 477 -1.94 12.81 -18.66
C GLY A 477 -0.73 12.61 -19.53
N SER A 478 -0.20 11.38 -19.60
CA SER A 478 1.01 11.11 -20.40
C SER A 478 0.96 9.69 -20.85
N ARG A 479 1.73 9.32 -21.84
CA ARG A 479 1.76 7.93 -22.27
C ARG A 479 2.56 7.10 -21.29
N PRO A 480 2.08 5.91 -20.91
CA PRO A 480 2.89 5.04 -20.04
C PRO A 480 4.05 4.43 -20.82
N PHE A 481 5.05 3.92 -20.13
CA PHE A 481 6.14 3.25 -20.85
C PHE A 481 5.58 1.99 -21.52
N PRO A 482 6.12 1.62 -22.69
CA PRO A 482 5.65 0.38 -23.32
C PRO A 482 6.06 -0.87 -22.51
N TRP A 483 5.11 -1.77 -22.36
CA TRP A 483 5.29 -3.03 -21.67
C TRP A 483 5.48 -4.14 -22.68
N TYR A 484 6.29 -5.12 -22.35
CA TYR A 484 6.30 -6.42 -23.08
C TYR A 484 4.98 -7.18 -22.80
N ASP A 485 4.62 -8.13 -23.67
CA ASP A 485 3.38 -8.89 -23.48
C ASP A 485 3.60 -10.13 -22.70
N VAL A 486 4.84 -10.59 -22.58
CA VAL A 486 5.15 -11.78 -21.82
C VAL A 486 6.50 -11.54 -21.13
N THR A 487 6.75 -12.19 -19.99
CA THR A 487 8.03 -12.13 -19.38
C THR A 487 9.02 -12.96 -20.21
N ASP A 488 10.16 -12.32 -20.31
CA ASP A 488 11.51 -12.80 -20.52
C ASP A 488 11.94 -14.11 -19.85
N MET A 489 11.49 -14.30 -18.62
CA MET A 489 11.99 -15.33 -17.74
C MET A 489 10.88 -16.12 -17.10
N PRO A 490 10.06 -16.81 -17.90
CA PRO A 490 8.98 -17.58 -17.33
C PRO A 490 9.44 -18.70 -16.43
N VAL A 491 8.54 -19.12 -15.53
CA VAL A 491 8.87 -20.18 -14.58
C VAL A 491 9.13 -21.57 -15.19
N ASP A 492 8.66 -21.81 -16.39
CA ASP A 492 9.00 -23.07 -17.11
C ASP A 492 10.43 -23.10 -17.70
N GLY A 493 11.18 -22.01 -17.58
CA GLY A 493 12.55 -21.94 -18.07
C GLY A 493 12.73 -21.66 -19.56
N SER A 494 11.67 -21.53 -20.33
CA SER A 494 11.80 -21.24 -21.75
C SER A 494 12.21 -19.78 -21.96
N ASN A 495 12.43 -19.40 -23.20
CA ASN A 495 12.74 -17.99 -23.57
C ASN A 495 11.92 -17.64 -24.79
N PRO A 496 10.94 -16.77 -24.64
CA PRO A 496 10.04 -16.54 -25.75
C PRO A 496 10.65 -15.75 -26.88
N PHE A 497 11.81 -15.15 -26.67
CA PHE A 497 12.60 -14.51 -27.78
C PHE A 497 13.68 -15.40 -28.42
N ASP A 498 13.94 -16.62 -27.90
CA ASP A 498 15.02 -17.55 -28.37
C ASP A 498 16.47 -17.00 -28.43
#